data_9FO9
#
_entry.id   9FO9
#
_entity_poly.entity_id   1
_entity_poly.type   'polyribonucleotide'
_entity_poly.pdbx_seq_one_letter_code
;GGGCUGCUUACGGUUUCGUCCGUGUUGCAGCCC
;
_entity_poly.pdbx_strand_id   A
#
loop_
_chem_comp.id
_chem_comp.type
_chem_comp.name
_chem_comp.formula
A RNA linking ADENOSINE-5'-MONOPHOSPHATE 'C10 H14 N5 O7 P'
C RNA linking CYTIDINE-5'-MONOPHOSPHATE 'C9 H14 N3 O8 P'
G RNA linking GUANOSINE-5'-MONOPHOSPHATE 'C10 H14 N5 O8 P'
U RNA linking URIDINE-5'-MONOPHOSPHATE 'C9 H13 N2 O9 P'
#